data_7BGG
#
_entry.id   7BGG
#
_cell.length_a   70.235
_cell.length_b   70.235
_cell.length_c   96.449
_cell.angle_alpha   90.00
_cell.angle_beta   90.00
_cell.angle_gamma   120.00
#
_symmetry.space_group_name_H-M   'P 31 2 1'
#
loop_
_entity.id
_entity.type
_entity.pdbx_description
1 polymer 'heterocyclic toxin methyltransferase (Rv0560c)'
2 non-polymer S-ADENOSYL-L-HOMOCYSTEINE
3 non-polymer 'SODIUM ION'
4 water water
#
_entity_poly.entity_id   1
_entity_poly.type   'polypeptide(L)'
_entity_poly.pdbx_seq_one_letter_code
;MGSSHHHHHHHHENLYFQSAGTESLDLEFESAYRGESVAFGEGVRPPWSIGEPQPELAALIVQGKFRGDVLDVGCGEAAI
SLALAERGHTTVGLDLSPAAVELARHEAAKRGLANASFEVADASSFTGYDGRFDTIVDSTLFHSMPVESREGYLQSIVRA
AAPGASYFVLVFDRAAIPEGPINAVTEDELRAAVSKYWIIDEIKPARLYARFPAGFAGMPALLDIREEPNGLQSIGGWLL
SAHLG
;
_entity_poly.pdbx_strand_id   A
#
# COMPACT_ATOMS: atom_id res chain seq x y z
N THR A 22 -14.77 -15.21 -9.99
CA THR A 22 -14.44 -14.55 -8.73
C THR A 22 -13.05 -14.99 -8.26
N GLU A 23 -12.44 -14.19 -7.37
CA GLU A 23 -11.15 -14.50 -6.77
C GLU A 23 -11.03 -13.82 -5.41
N SER A 24 -10.26 -14.44 -4.46
CA SER A 24 -10.15 -13.83 -3.14
C SER A 24 -8.91 -14.28 -2.42
N LEU A 25 -8.19 -13.33 -1.84
CA LEU A 25 -6.97 -13.61 -1.07
C LEU A 25 -7.20 -13.46 0.43
N ASP A 26 -8.45 -13.26 0.85
CA ASP A 26 -8.68 -12.96 2.27
C ASP A 26 -8.08 -13.99 3.22
N LEU A 27 -8.33 -15.28 2.96
CA LEU A 27 -7.86 -16.31 3.88
C LEU A 27 -6.35 -16.35 3.92
N GLU A 28 -5.70 -16.17 2.74
CA GLU A 28 -4.24 -16.19 2.69
C GLU A 28 -3.62 -15.04 3.47
N PHE A 29 -4.15 -13.81 3.32
CA PHE A 29 -3.55 -12.72 4.07
C PHE A 29 -3.72 -12.92 5.56
N GLU A 30 -4.90 -13.34 5.98
CA GLU A 30 -5.10 -13.53 7.42
C GLU A 30 -4.19 -14.63 7.96
N SER A 31 -4.02 -15.74 7.21
CA SER A 31 -3.11 -16.80 7.65
C SER A 31 -1.68 -16.31 7.71
N ALA A 32 -1.24 -15.56 6.68
CA ALA A 32 0.11 -15.03 6.69
C ALA A 32 0.37 -14.16 7.92
N TYR A 33 -0.56 -13.26 8.22
CA TYR A 33 -0.39 -12.37 9.38
C TYR A 33 -0.42 -13.12 10.70
N ARG A 34 -1.24 -14.17 10.79
CA ARG A 34 -1.31 -14.98 12.02
C ARG A 34 -0.02 -15.70 12.26
N GLY A 35 0.68 -16.10 11.20
CA GLY A 35 1.97 -16.78 11.27
C GLY A 35 1.91 -18.19 11.84
N VAL A 44 7.12 -17.69 11.42
CA VAL A 44 7.39 -17.20 10.07
C VAL A 44 6.51 -15.98 9.82
N ARG A 45 7.12 -14.83 9.46
CA ARG A 45 6.39 -13.58 9.21
C ARG A 45 6.22 -13.32 7.73
N PRO A 46 5.20 -12.52 7.33
CA PRO A 46 5.04 -12.24 5.88
C PRO A 46 6.29 -11.60 5.32
N PRO A 47 6.70 -12.02 4.12
CA PRO A 47 7.91 -11.42 3.52
C PRO A 47 7.85 -9.91 3.34
N TRP A 48 6.65 -9.37 3.10
CA TRP A 48 6.53 -7.94 2.88
C TRP A 48 6.50 -7.12 4.17
N SER A 49 6.41 -7.77 5.33
CA SER A 49 6.43 -7.06 6.61
C SER A 49 7.87 -6.79 7.02
N ILE A 50 8.53 -5.88 6.30
CA ILE A 50 9.96 -5.62 6.41
C ILE A 50 10.33 -4.76 7.65
N GLY A 51 9.34 -4.30 8.41
CA GLY A 51 9.61 -3.59 9.66
C GLY A 51 10.05 -2.16 9.48
N GLU A 52 9.80 -1.61 8.29
CA GLU A 52 10.14 -0.26 7.91
C GLU A 52 9.23 0.08 6.73
N PRO A 53 8.98 1.35 6.45
CA PRO A 53 8.24 1.69 5.23
C PRO A 53 8.98 1.16 4.00
N GLN A 54 8.23 0.84 2.94
CA GLN A 54 8.88 0.48 1.70
C GLN A 54 9.86 1.57 1.31
N PRO A 55 11.11 1.22 0.95
CA PRO A 55 12.11 2.27 0.63
C PRO A 55 11.65 3.29 -0.40
N GLU A 56 10.88 2.88 -1.43
CA GLU A 56 10.48 3.83 -2.45
C GLU A 56 9.55 4.88 -1.87
N LEU A 57 8.73 4.48 -0.91
CA LEU A 57 7.81 5.43 -0.25
C LEU A 57 8.53 6.25 0.81
N ALA A 58 9.50 5.68 1.52
CA ALA A 58 10.27 6.46 2.49
C ALA A 58 10.98 7.61 1.79
N ALA A 59 11.44 7.41 0.56
CA ALA A 59 12.13 8.47 -0.17
C ALA A 59 11.17 9.64 -0.44
N LEU A 60 9.90 9.35 -0.71
CA LEU A 60 8.92 10.42 -0.89
C LEU A 60 8.65 11.16 0.43
N ILE A 61 8.61 10.44 1.56
CA ILE A 61 8.43 11.08 2.84
C ILE A 61 9.54 12.07 3.10
N VAL A 62 10.80 11.67 2.87
CA VAL A 62 11.88 12.61 3.19
CA VAL A 62 11.99 12.50 3.09
C VAL A 62 11.88 13.80 2.27
N GLN A 63 11.28 13.70 1.07
CA GLN A 63 11.12 14.84 0.17
C GLN A 63 9.99 15.76 0.59
N GLY A 64 9.27 15.45 1.66
CA GLY A 64 8.19 16.30 2.13
C GLY A 64 6.88 16.10 1.39
N LYS A 65 6.72 14.96 0.71
CA LYS A 65 5.51 14.70 -0.08
C LYS A 65 4.33 14.25 0.74
N PHE A 66 4.53 13.82 2.00
CA PHE A 66 3.42 13.37 2.82
C PHE A 66 3.00 14.53 3.71
N ARG A 67 1.73 14.81 3.73
CA ARG A 67 1.22 15.97 4.42
C ARG A 67 -0.08 15.68 5.12
N GLY A 68 -0.29 16.35 6.25
CA GLY A 68 -1.55 16.32 6.95
C GLY A 68 -1.95 14.97 7.49
N ASP A 69 -3.26 14.72 7.53
CA ASP A 69 -3.76 13.43 8.00
C ASP A 69 -3.56 12.42 6.91
N VAL A 70 -3.02 11.24 7.27
CA VAL A 70 -2.67 10.22 6.29
C VAL A 70 -3.53 8.97 6.42
N LEU A 71 -3.98 8.44 5.30
CA LEU A 71 -4.64 7.15 5.23
C LEU A 71 -3.67 6.15 4.59
N ASP A 72 -3.38 5.06 5.31
CA ASP A 72 -2.52 3.94 4.86
C ASP A 72 -3.51 2.83 4.52
N VAL A 73 -3.84 2.69 3.22
CA VAL A 73 -4.92 1.83 2.79
C VAL A 73 -4.37 0.44 2.45
N GLY A 74 -4.97 -0.61 3.01
CA GLY A 74 -4.38 -1.94 2.96
C GLY A 74 -3.10 -1.94 3.77
N CYS A 75 -3.16 -1.43 5.02
CA CYS A 75 -1.99 -1.10 5.79
C CYS A 75 -1.11 -2.24 6.24
N GLY A 76 -1.67 -3.45 6.32
CA GLY A 76 -0.91 -4.55 6.89
C GLY A 76 -0.41 -4.22 8.29
N GLU A 77 0.86 -4.54 8.58
CA GLU A 77 1.49 -4.24 9.86
C GLU A 77 1.84 -2.76 9.98
N ALA A 78 1.61 -1.97 8.89
CA ALA A 78 1.55 -0.53 8.96
C ALA A 78 2.85 0.16 9.34
N ALA A 79 3.98 -0.36 8.88
CA ALA A 79 5.22 0.32 9.18
C ALA A 79 5.20 1.79 8.73
N ILE A 80 4.61 2.09 7.55
CA ILE A 80 4.61 3.47 7.09
C ILE A 80 3.69 4.36 7.95
N SER A 81 2.53 3.88 8.36
CA SER A 81 1.67 4.62 9.32
C SER A 81 2.43 4.96 10.56
N LEU A 82 3.11 3.98 11.12
CA LEU A 82 3.83 4.18 12.36
C LEU A 82 4.94 5.19 12.20
N ALA A 83 5.71 5.12 11.10
CA ALA A 83 6.79 6.08 10.86
C ALA A 83 6.19 7.49 10.74
N LEU A 84 5.06 7.63 10.04
CA LEU A 84 4.42 8.93 9.89
C LEU A 84 3.84 9.46 11.21
N ALA A 85 3.27 8.57 12.03
CA ALA A 85 2.77 8.98 13.33
C ALA A 85 3.91 9.45 14.25
N GLU A 86 5.11 8.88 14.13
CA GLU A 86 6.28 9.34 14.90
C GLU A 86 6.74 10.70 14.42
N ARG A 87 6.38 11.07 13.19
CA ARG A 87 6.78 12.35 12.61
C ARG A 87 5.72 13.41 12.86
N GLY A 88 4.67 13.09 13.57
CA GLY A 88 3.64 14.05 13.96
C GLY A 88 2.34 13.99 13.19
N HIS A 89 2.22 13.11 12.22
CA HIS A 89 0.96 13.01 11.50
C HIS A 89 -0.07 12.23 12.29
N THR A 90 -1.35 12.61 12.17
CA THR A 90 -2.43 11.73 12.63
C THR A 90 -2.65 10.76 11.46
N THR A 91 -2.64 9.46 11.77
CA THR A 91 -2.72 8.43 10.73
C THR A 91 -3.84 7.44 11.00
N VAL A 92 -4.43 6.91 9.93
CA VAL A 92 -5.42 5.84 9.99
C VAL A 92 -4.94 4.80 9.02
N GLY A 93 -4.94 3.54 9.47
CA GLY A 93 -4.63 2.41 8.61
C GLY A 93 -5.85 1.53 8.53
N LEU A 94 -6.21 1.10 7.33
CA LEU A 94 -7.32 0.21 7.08
C LEU A 94 -6.85 -1.06 6.45
N ASP A 95 -7.35 -2.22 6.91
CA ASP A 95 -6.98 -3.51 6.31
C ASP A 95 -8.14 -4.42 6.47
N LEU A 96 -8.33 -5.32 5.50
CA LEU A 96 -9.40 -6.31 5.56
C LEU A 96 -9.06 -7.42 6.57
N SER A 97 -7.76 -7.61 6.86
CA SER A 97 -7.34 -8.66 7.78
C SER A 97 -7.37 -8.21 9.25
N PRO A 98 -8.17 -8.86 10.12
CA PRO A 98 -8.10 -8.51 11.55
C PRO A 98 -6.72 -8.80 12.16
N ALA A 99 -6.02 -9.86 11.73
CA ALA A 99 -4.67 -10.13 12.27
C ALA A 99 -3.72 -9.00 11.93
N ALA A 100 -3.82 -8.41 10.70
CA ALA A 100 -2.97 -7.25 10.35
C ALA A 100 -3.23 -6.10 11.32
N VAL A 101 -4.47 -5.80 11.50
CA VAL A 101 -4.84 -4.71 12.41
C VAL A 101 -4.32 -4.96 13.85
N GLU A 102 -4.33 -6.22 14.34
CA GLU A 102 -3.74 -6.50 15.64
C GLU A 102 -2.28 -6.18 15.67
N LEU A 103 -1.55 -6.59 14.64
CA LEU A 103 -0.10 -6.38 14.63
C LEU A 103 0.21 -4.91 14.60
N ALA A 104 -0.52 -4.14 13.78
CA ALA A 104 -0.30 -2.70 13.66
C ALA A 104 -0.54 -2.06 15.04
N ARG A 105 -1.66 -2.41 15.69
CA ARG A 105 -1.92 -1.85 17.00
C ARG A 105 -0.86 -2.25 18.02
N HIS A 106 -0.31 -3.46 17.91
CA HIS A 106 0.69 -3.93 18.88
C HIS A 106 2.01 -3.16 18.79
N GLU A 107 2.38 -2.81 17.57
CA GLU A 107 3.62 -2.06 17.36
C GLU A 107 3.40 -0.62 17.72
N ALA A 108 2.16 -0.10 17.49
CA ALA A 108 1.84 1.27 17.90
C ALA A 108 1.91 1.37 19.44
N ALA A 109 1.47 0.33 20.14
CA ALA A 109 1.54 0.32 21.62
C ALA A 109 3.02 0.32 22.07
N LYS A 110 3.88 -0.52 21.45
CA LYS A 110 5.31 -0.59 21.82
C LYS A 110 5.96 0.81 21.70
N ARG A 111 5.57 1.54 20.66
CA ARG A 111 6.10 2.87 20.38
C ARG A 111 5.39 4.01 21.13
N GLY A 112 4.32 3.68 21.88
CA GLY A 112 3.56 4.66 22.66
C GLY A 112 2.77 5.65 21.84
N LEU A 113 2.34 5.25 20.63
CA LEU A 113 1.63 6.15 19.75
C LEU A 113 0.14 6.26 20.10
N ALA A 114 -0.36 7.48 20.15
CA ALA A 114 -1.75 7.77 20.40
C ALA A 114 -2.44 8.21 19.11
N ASN A 115 -1.65 8.74 18.18
CA ASN A 115 -2.09 9.36 16.94
C ASN A 115 -2.17 8.44 15.71
N ALA A 116 -1.90 7.15 15.88
CA ALA A 116 -2.04 6.15 14.82
C ALA A 116 -3.21 5.24 15.20
N SER A 117 -4.23 5.15 14.37
CA SER A 117 -5.34 4.23 14.63
CA SER A 117 -5.45 4.35 14.56
C SER A 117 -5.54 3.34 13.44
N PHE A 118 -6.20 2.22 13.70
CA PHE A 118 -6.39 1.17 12.72
C PHE A 118 -7.78 0.65 12.80
N GLU A 119 -8.31 0.21 11.68
CA GLU A 119 -9.65 -0.37 11.60
C GLU A 119 -9.70 -1.44 10.53
N VAL A 120 -10.48 -2.48 10.78
CA VAL A 120 -10.75 -3.52 9.80
C VAL A 120 -11.80 -2.92 8.85
N ALA A 121 -11.48 -2.88 7.56
CA ALA A 121 -12.39 -2.33 6.55
C ALA A 121 -11.96 -2.85 5.20
N ASP A 122 -12.88 -2.78 4.25
CA ASP A 122 -12.64 -3.18 2.87
C ASP A 122 -12.33 -1.89 2.09
N ALA A 123 -11.10 -1.78 1.60
CA ALA A 123 -10.69 -0.61 0.83
C ALA A 123 -11.53 -0.37 -0.40
N SER A 124 -12.18 -1.42 -0.94
CA SER A 124 -13.01 -1.26 -2.12
C SER A 124 -14.40 -0.74 -1.84
N SER A 125 -14.77 -0.63 -0.55
CA SER A 125 -16.10 -0.17 -0.15
CA SER A 125 -16.10 -0.16 -0.15
C SER A 125 -16.07 0.18 1.31
N PHE A 126 -15.60 1.37 1.60
CA PHE A 126 -15.55 1.86 2.98
C PHE A 126 -16.05 3.27 2.99
N THR A 127 -16.66 3.66 4.11
CA THR A 127 -17.15 5.02 4.32
C THR A 127 -16.73 5.46 5.72
N GLY A 128 -17.20 6.62 6.14
CA GLY A 128 -16.94 7.16 7.48
C GLY A 128 -15.78 8.13 7.62
N TYR A 129 -15.09 8.47 6.50
CA TYR A 129 -13.96 9.37 6.53
C TYR A 129 -14.10 10.45 5.43
N ASP A 130 -15.32 10.95 5.17
CA ASP A 130 -15.48 11.87 4.05
C ASP A 130 -14.59 13.11 4.16
N GLY A 131 -13.85 13.40 3.09
CA GLY A 131 -12.94 14.55 2.99
C GLY A 131 -11.90 14.66 4.09
N ARG A 132 -11.54 13.53 4.71
CA ARG A 132 -10.61 13.51 5.85
CA ARG A 132 -10.64 13.49 5.84
CA ARG A 132 -10.62 13.52 5.85
C ARG A 132 -9.13 13.60 5.55
N PHE A 133 -8.64 12.93 4.53
CA PHE A 133 -7.23 12.77 4.34
C PHE A 133 -6.57 13.68 3.36
N ASP A 134 -5.39 14.17 3.74
CA ASP A 134 -4.55 15.00 2.86
C ASP A 134 -3.55 14.18 2.09
N THR A 135 -3.22 12.96 2.57
CA THR A 135 -2.36 12.05 1.83
C THR A 135 -2.97 10.66 1.98
N ILE A 136 -3.01 9.91 0.86
CA ILE A 136 -3.44 8.52 0.86
C ILE A 136 -2.29 7.71 0.28
N VAL A 137 -1.87 6.66 0.96
CA VAL A 137 -0.78 5.82 0.50
C VAL A 137 -1.24 4.38 0.38
N ASP A 138 -1.00 3.81 -0.80
CA ASP A 138 -1.26 2.40 -1.11
C ASP A 138 0.11 1.73 -1.25
N SER A 139 0.54 1.04 -0.20
CA SER A 139 1.79 0.32 -0.22
C SER A 139 1.51 -1.14 -0.55
N THR A 140 1.36 -1.42 -1.83
CA THR A 140 1.21 -2.78 -2.36
C THR A 140 -0.18 -3.36 -2.12
N LEU A 141 -1.17 -2.53 -1.73
CA LEU A 141 -2.53 -2.98 -1.76
C LEU A 141 -3.02 -3.14 -3.20
N PHE A 142 -2.60 -2.26 -4.10
CA PHE A 142 -3.28 -2.13 -5.39
C PHE A 142 -3.51 -3.45 -6.11
N HIS A 143 -2.45 -4.27 -6.18
CA HIS A 143 -2.48 -5.57 -6.89
C HIS A 143 -3.09 -6.68 -6.05
N SER A 144 -3.48 -6.39 -4.82
CA SER A 144 -3.97 -7.37 -3.85
C SER A 144 -5.48 -7.50 -3.80
N MET A 145 -6.15 -6.84 -4.75
CA MET A 145 -7.60 -6.94 -4.89
C MET A 145 -7.91 -7.31 -6.35
N PRO A 146 -9.12 -7.82 -6.62
CA PRO A 146 -9.48 -8.14 -8.01
C PRO A 146 -9.53 -6.87 -8.87
N VAL A 147 -9.29 -7.04 -10.16
CA VAL A 147 -9.37 -5.93 -11.11
C VAL A 147 -10.73 -5.22 -10.98
N GLU A 148 -11.83 -5.99 -10.84
CA GLU A 148 -13.17 -5.41 -10.75
C GLU A 148 -13.42 -4.58 -9.50
N SER A 149 -12.56 -4.69 -8.49
CA SER A 149 -12.73 -3.93 -7.25
C SER A 149 -12.07 -2.57 -7.33
N ARG A 150 -11.25 -2.34 -8.37
CA ARG A 150 -10.48 -1.09 -8.47
C ARG A 150 -11.36 0.15 -8.48
N GLU A 151 -12.44 0.10 -9.26
CA GLU A 151 -13.32 1.26 -9.34
C GLU A 151 -13.88 1.65 -7.99
N GLY A 152 -14.42 0.69 -7.24
CA GLY A 152 -14.97 0.95 -5.92
C GLY A 152 -13.92 1.46 -4.95
N TYR A 153 -12.70 0.91 -5.03
CA TYR A 153 -11.58 1.34 -4.21
C TYR A 153 -11.24 2.82 -4.51
N LEU A 154 -11.04 3.13 -5.79
CA LEU A 154 -10.66 4.50 -6.15
C LEU A 154 -11.75 5.49 -5.80
N GLN A 155 -13.03 5.09 -5.97
CA GLN A 155 -14.13 5.96 -5.55
C GLN A 155 -14.12 6.15 -4.04
N SER A 156 -13.84 5.07 -3.28
CA SER A 156 -13.83 5.17 -1.82
C SER A 156 -12.72 6.07 -1.29
N ILE A 157 -11.50 5.96 -1.86
CA ILE A 157 -10.44 6.81 -1.36
C ILE A 157 -10.63 8.26 -1.79
N VAL A 158 -11.19 8.50 -2.99
CA VAL A 158 -11.47 9.87 -3.38
C VAL A 158 -12.50 10.46 -2.39
N ARG A 159 -13.54 9.68 -2.04
CA ARG A 159 -14.54 10.16 -1.08
C ARG A 159 -13.89 10.54 0.26
N ALA A 160 -12.85 9.80 0.67
CA ALA A 160 -12.15 10.02 1.93
C ALA A 160 -11.07 11.11 1.84
N ALA A 161 -10.89 11.71 0.63
CA ALA A 161 -9.83 12.68 0.40
C ALA A 161 -10.26 14.11 0.56
N ALA A 162 -9.42 14.91 1.23
CA ALA A 162 -9.62 16.35 1.33
C ALA A 162 -9.21 16.97 -0.01
N PRO A 163 -9.72 18.19 -0.29
CA PRO A 163 -9.33 18.86 -1.53
C PRO A 163 -7.80 18.94 -1.66
N GLY A 164 -7.31 18.68 -2.85
CA GLY A 164 -5.87 18.76 -3.14
C GLY A 164 -5.04 17.65 -2.51
N ALA A 165 -5.67 16.58 -2.01
CA ALA A 165 -4.93 15.48 -1.39
C ALA A 165 -3.93 14.88 -2.35
N SER A 166 -2.82 14.34 -1.82
CA SER A 166 -1.85 13.56 -2.59
C SER A 166 -2.18 12.05 -2.46
N TYR A 167 -1.85 11.30 -3.49
CA TYR A 167 -2.06 9.85 -3.54
C TYR A 167 -0.77 9.22 -4.07
N PHE A 168 -0.30 8.18 -3.39
CA PHE A 168 0.89 7.47 -3.80
C PHE A 168 0.60 5.99 -3.84
N VAL A 169 1.01 5.32 -4.92
CA VAL A 169 0.80 3.88 -5.10
C VAL A 169 2.11 3.22 -5.41
N LEU A 170 2.38 2.10 -4.72
CA LEU A 170 3.50 1.20 -5.03
C LEU A 170 2.87 -0.14 -5.36
N VAL A 171 3.12 -0.62 -6.58
CA VAL A 171 2.40 -1.79 -7.10
C VAL A 171 3.32 -2.65 -7.95
N PHE A 172 3.07 -3.97 -7.97
CA PHE A 172 3.88 -4.83 -8.83
C PHE A 172 3.64 -4.53 -10.31
N ASP A 173 4.68 -4.78 -11.10
CA ASP A 173 4.66 -4.69 -12.55
C ASP A 173 4.24 -6.05 -13.11
N ARG A 174 3.30 -6.00 -14.06
CA ARG A 174 2.82 -7.20 -14.75
CA ARG A 174 2.80 -7.16 -14.82
C ARG A 174 3.97 -7.88 -15.50
N ALA A 175 5.02 -7.13 -15.87
CA ALA A 175 6.17 -7.78 -16.50
C ALA A 175 6.90 -8.72 -15.54
N ALA A 176 6.78 -8.49 -14.23
CA ALA A 176 7.42 -9.28 -13.18
C ALA A 176 6.51 -10.32 -12.58
N ILE A 177 5.20 -10.06 -12.47
CA ILE A 177 4.25 -10.93 -11.78
C ILE A 177 3.15 -11.23 -12.74
N PRO A 178 2.94 -12.51 -13.05
CA PRO A 178 2.01 -12.90 -14.12
C PRO A 178 0.56 -12.87 -13.67
N GLU A 179 -0.34 -13.03 -14.65
CA GLU A 179 -1.75 -13.27 -14.44
C GLU A 179 -1.89 -14.45 -13.43
N GLY A 180 -2.68 -14.23 -12.40
CA GLY A 180 -2.87 -15.23 -11.37
C GLY A 180 -3.48 -14.60 -10.14
N PRO A 181 -3.13 -15.05 -8.94
CA PRO A 181 -3.73 -14.47 -7.73
C PRO A 181 -3.45 -12.99 -7.55
N ILE A 182 -2.31 -12.53 -8.06
CA ILE A 182 -1.91 -11.13 -7.92
C ILE A 182 -2.23 -10.41 -9.22
N ASN A 183 -2.85 -9.25 -9.12
CA ASN A 183 -3.25 -8.47 -10.27
C ASN A 183 -2.30 -7.30 -10.47
N ALA A 184 -1.07 -7.64 -10.85
CA ALA A 184 -0.02 -6.67 -11.17
C ALA A 184 -0.40 -5.92 -12.46
N VAL A 185 0.22 -4.76 -12.67
CA VAL A 185 -0.22 -3.86 -13.74
C VAL A 185 0.87 -3.46 -14.69
N THR A 186 0.44 -3.11 -15.91
CA THR A 186 1.34 -2.42 -16.85
C THR A 186 1.25 -0.93 -16.53
N GLU A 187 2.21 -0.16 -17.02
CA GLU A 187 2.18 1.28 -16.82
C GLU A 187 0.90 1.89 -17.41
N ASP A 188 0.51 1.46 -18.63
CA ASP A 188 -0.68 2.00 -19.24
C ASP A 188 -1.94 1.66 -18.49
N GLU A 189 -2.00 0.42 -17.98
CA GLU A 189 -3.15 -0.05 -17.24
C GLU A 189 -3.30 0.76 -15.93
N LEU A 190 -2.20 0.98 -15.25
CA LEU A 190 -2.23 1.75 -13.99
C LEU A 190 -2.68 3.19 -14.28
N ARG A 191 -2.11 3.80 -15.32
CA ARG A 191 -2.46 5.16 -15.70
CA ARG A 191 -2.47 5.16 -15.67
C ARG A 191 -3.95 5.24 -16.02
N ALA A 192 -4.45 4.29 -16.82
CA ALA A 192 -5.87 4.33 -17.20
C ALA A 192 -6.80 4.18 -16.02
N ALA A 193 -6.45 3.32 -15.05
CA ALA A 193 -7.31 3.13 -13.89
C ALA A 193 -7.33 4.36 -12.99
N VAL A 194 -6.13 4.87 -12.65
CA VAL A 194 -6.00 5.93 -11.66
C VAL A 194 -6.38 7.30 -12.21
N SER A 195 -6.08 7.55 -13.50
CA SER A 195 -6.37 8.87 -14.08
C SER A 195 -7.85 9.19 -14.18
N LYS A 196 -8.74 8.21 -14.06
CA LYS A 196 -10.18 8.50 -14.04
C LYS A 196 -10.54 9.27 -12.75
N TYR A 197 -9.73 9.13 -11.70
CA TYR A 197 -10.02 9.67 -10.37
C TYR A 197 -9.02 10.65 -9.81
N TRP A 198 -7.80 10.69 -10.33
CA TRP A 198 -6.73 11.52 -9.80
C TRP A 198 -5.95 12.14 -10.92
N ILE A 199 -5.27 13.25 -10.65
CA ILE A 199 -4.35 13.87 -11.60
CA ILE A 199 -4.37 13.87 -11.60
C ILE A 199 -2.99 13.24 -11.39
N ILE A 200 -2.47 12.52 -12.38
CA ILE A 200 -1.21 11.84 -12.22
C ILE A 200 -0.03 12.76 -12.46
N ASP A 201 0.90 12.81 -11.52
CA ASP A 201 2.13 13.59 -11.57
C ASP A 201 3.28 12.81 -12.12
N GLU A 202 3.37 11.52 -11.78
CA GLU A 202 4.47 10.69 -12.21
C GLU A 202 4.12 9.22 -12.10
N ILE A 203 4.61 8.42 -13.03
CA ILE A 203 4.65 6.97 -12.90
C ILE A 203 6.05 6.58 -13.29
N LYS A 204 6.77 5.86 -12.44
CA LYS A 204 8.10 5.42 -12.82
C LYS A 204 8.36 4.02 -12.30
N PRO A 205 9.33 3.31 -12.89
CA PRO A 205 9.69 1.99 -12.38
C PRO A 205 10.14 2.10 -10.92
N ALA A 206 9.89 1.06 -10.15
CA ALA A 206 10.22 1.02 -8.74
C ALA A 206 10.51 -0.41 -8.32
N ARG A 207 11.08 -0.55 -7.12
CA ARG A 207 11.34 -1.85 -6.52
C ARG A 207 10.43 -2.06 -5.33
N LEU A 208 9.88 -3.25 -5.18
CA LEU A 208 9.07 -3.65 -4.04
C LEU A 208 9.92 -4.63 -3.24
N TYR A 209 10.22 -4.29 -1.98
CA TYR A 209 11.14 -5.06 -1.16
C TYR A 209 10.45 -6.06 -0.28
N ALA A 210 11.13 -7.17 0.00
CA ALA A 210 10.59 -8.23 0.86
C ALA A 210 11.74 -9.06 1.39
N ARG A 211 11.45 -9.89 2.38
CA ARG A 211 12.42 -10.87 2.88
C ARG A 211 11.83 -12.23 2.61
N PHE A 212 12.16 -12.82 1.48
CA PHE A 212 11.59 -14.13 1.14
C PHE A 212 12.35 -15.29 1.73
N PRO A 213 11.66 -16.41 2.06
CA PRO A 213 12.38 -17.60 2.51
C PRO A 213 13.27 -18.14 1.40
N ALA A 214 14.22 -18.98 1.86
CA ALA A 214 15.14 -19.73 1.02
C ALA A 214 14.36 -20.60 0.02
N GLY A 215 14.70 -20.48 -1.25
CA GLY A 215 14.10 -21.28 -2.34
C GLY A 215 12.73 -20.88 -2.79
N PHE A 216 12.33 -19.66 -2.39
CA PHE A 216 11.12 -18.98 -2.71
C PHE A 216 11.00 -18.99 -4.21
N ALA A 217 9.91 -19.56 -4.63
CA ALA A 217 9.46 -19.65 -6.01
C ALA A 217 10.23 -20.69 -6.82
N GLY A 218 10.94 -21.59 -6.17
CA GLY A 218 11.61 -22.70 -6.83
C GLY A 218 13.10 -22.62 -7.01
N MET A 219 13.66 -23.74 -7.45
CA MET A 219 15.04 -23.84 -7.85
C MET A 219 15.09 -24.70 -9.12
N PRO A 220 15.27 -24.06 -10.30
CA PRO A 220 15.38 -22.61 -10.54
C PRO A 220 14.11 -21.86 -10.17
N ALA A 221 14.29 -20.58 -9.88
CA ALA A 221 13.16 -19.73 -9.50
C ALA A 221 12.30 -19.40 -10.70
N LEU A 222 11.00 -19.37 -10.48
CA LEU A 222 10.08 -19.07 -11.57
C LEU A 222 9.82 -17.57 -11.74
N LEU A 223 10.33 -16.77 -10.81
CA LEU A 223 10.20 -15.31 -10.82
C LEU A 223 11.57 -14.68 -10.78
N ASP A 224 11.67 -13.42 -11.22
CA ASP A 224 12.91 -12.65 -11.14
C ASP A 224 12.95 -11.92 -9.82
N ILE A 225 13.75 -12.43 -8.89
CA ILE A 225 13.89 -11.89 -7.55
C ILE A 225 15.30 -11.33 -7.42
N ARG A 226 15.41 -10.02 -7.21
CA ARG A 226 16.71 -9.39 -7.12
C ARG A 226 17.19 -9.42 -5.70
N GLU A 227 18.45 -9.78 -5.52
CA GLU A 227 19.03 -9.80 -4.18
C GLU A 227 19.54 -8.42 -3.86
N GLU A 228 19.19 -7.91 -2.70
CA GLU A 228 19.53 -6.55 -2.29
C GLU A 228 20.44 -6.59 -1.05
N PRO A 229 21.00 -5.43 -0.66
CA PRO A 229 21.76 -5.38 0.59
C PRO A 229 20.86 -5.74 1.80
N ASN A 230 21.47 -6.09 2.94
CA ASN A 230 20.81 -6.43 4.21
C ASN A 230 19.87 -7.68 4.12
N GLY A 231 20.21 -8.60 3.21
CA GLY A 231 19.49 -9.85 3.02
C GLY A 231 18.08 -9.70 2.47
N LEU A 232 17.73 -8.49 2.00
CA LEU A 232 16.42 -8.23 1.39
C LEU A 232 16.46 -8.63 -0.08
N GLN A 233 15.26 -8.71 -0.65
CA GLN A 233 15.06 -9.02 -2.05
C GLN A 233 14.11 -7.98 -2.60
N SER A 234 14.07 -7.82 -3.92
CA SER A 234 13.08 -6.94 -4.52
C SER A 234 12.55 -7.51 -5.82
N ILE A 235 11.36 -7.05 -6.17
CA ILE A 235 10.66 -7.40 -7.40
C ILE A 235 10.24 -6.10 -8.11
N GLY A 236 10.24 -6.11 -9.43
CA GLY A 236 9.87 -4.93 -10.20
C GLY A 236 8.44 -4.48 -10.01
N GLY A 237 8.28 -3.16 -10.02
CA GLY A 237 7.01 -2.51 -9.84
C GLY A 237 6.95 -1.12 -10.40
N TRP A 238 5.96 -0.37 -9.94
CA TRP A 238 5.71 0.99 -10.35
C TRP A 238 5.44 1.83 -9.11
N LEU A 239 5.90 3.08 -9.17
CA LEU A 239 5.59 4.07 -8.15
C LEU A 239 4.84 5.18 -8.85
N LEU A 240 3.60 5.38 -8.45
CA LEU A 240 2.74 6.43 -8.98
C LEU A 240 2.53 7.52 -7.93
N SER A 241 2.58 8.77 -8.39
CA SER A 241 2.32 9.94 -7.57
C SER A 241 1.22 10.72 -8.25
N ALA A 242 0.20 11.13 -7.49
CA ALA A 242 -0.94 11.85 -8.05
C ALA A 242 -1.51 12.80 -7.00
N HIS A 243 -2.48 13.63 -7.42
CA HIS A 243 -3.15 14.51 -6.48
C HIS A 243 -4.56 14.78 -6.95
N LEU A 244 -5.43 15.04 -5.99
N LEU A 244 -5.35 15.54 -6.15
CA LEU A 244 -6.81 15.21 -6.32
CA LEU A 244 -6.67 16.08 -6.52
C LEU A 244 -6.99 16.56 -7.03
C LEU A 244 -6.43 17.59 -6.78
N GLY A 245 -7.59 16.50 -8.21
N GLY A 245 -7.07 18.14 -7.80
CA GLY A 245 -7.81 17.67 -9.06
CA GLY A 245 -6.91 19.54 -8.16
C GLY A 245 -9.04 18.47 -8.70
C GLY A 245 -7.60 19.75 -9.47
#